data_4YN2
#
_entry.id   4YN2
#
_cell.length_a   68.182
_cell.length_b   68.182
_cell.length_c   128.058
_cell.angle_alpha   90.00
_cell.angle_beta   90.00
_cell.angle_gamma   90.00
#
_symmetry.space_group_name_H-M   'P 41 21 2'
#
loop_
_entity.id
_entity.type
_entity.pdbx_description
1 polymer FUSOLIN
2 branched beta-D-mannopyranose-(1-4)-2-acetamido-2-deoxy-beta-D-glucopyranose-(1-4)-2-acetamido-2-deoxy-beta-D-glucopyranose
3 non-polymer 'ZINC ION'
4 non-polymer 1,2-ETHANEDIOL
5 water water
#
_entity_poly.entity_id   1
_entity_poly.type   'polypeptide(L)'
_entity_poly.pdbx_seq_one_letter_code
;HGYMSFPIARQRRCSMESFWYPTNGDGITDPMCRAAYQYVYDKVLDETGSTTDAISAAQYEFQQDNEYAALAGPDYWDKC
HITQQVVPNYLCAAGAHSWSNPFGDKSGVDISGSWRPTVIPLSDNHQVSVPLELEFCPTAVHEPSYYEVYITKPSFNVFI
DRVVWGNLDLIYNDTVPLDPRLPYSICDADLVYRFTVPIPIRQSQAVLYVRWQRLDPVGEGFYNCVDINFDYNNGPDDED
IIVPDVEGGLLPNQCASTFNYNEGVPGFDTEEYYKYMYESLRFNRYNTNTCSSRDYGKQKWHRRHHHQYVYNK
;
_entity_poly.pdbx_strand_id   A
#
# COMPACT_ATOMS: atom_id res chain seq x y z
N HIS A 1 -16.93 -8.23 5.82
CA HIS A 1 -15.76 -8.74 5.15
C HIS A 1 -15.57 -8.02 3.85
N GLY A 2 -14.32 -7.95 3.41
CA GLY A 2 -13.98 -7.33 2.15
C GLY A 2 -12.58 -6.77 2.16
N TYR A 3 -12.28 -5.99 1.15
CA TYR A 3 -10.96 -5.40 0.98
C TYR A 3 -11.03 -4.17 0.12
N MET A 4 -10.00 -3.35 0.20
CA MET A 4 -9.86 -2.17 -0.64
C MET A 4 -9.56 -2.62 -2.08
N SER A 5 -10.40 -2.21 -3.02
CA SER A 5 -10.25 -2.59 -4.43
C SER A 5 -9.67 -1.43 -5.21
N PHE A 6 -9.97 -0.18 -4.82
CA PHE A 6 -9.32 0.95 -5.49
C PHE A 6 -8.99 2.07 -4.50
N PRO A 7 -7.71 2.44 -4.35
CA PRO A 7 -6.51 1.74 -4.83
C PRO A 7 -6.47 0.35 -4.18
N ILE A 8 -5.94 -0.64 -4.89
CA ILE A 8 -5.97 -2.03 -4.42
C ILE A 8 -5.25 -2.22 -3.08
N ALA A 9 -5.85 -3.04 -2.19
CA ALA A 9 -5.21 -3.38 -0.92
C ALA A 9 -3.97 -4.18 -1.19
N ARG A 10 -2.95 -3.99 -0.36
CA ARG A 10 -1.68 -4.70 -0.48
C ARG A 10 -1.92 -6.21 -0.55
N GLN A 11 -2.69 -6.77 0.41
CA GLN A 11 -2.93 -8.21 0.46
C GLN A 11 -3.79 -8.68 -0.72
N ARG A 12 -4.65 -7.83 -1.27
CA ARG A 12 -5.49 -8.21 -2.41
C ARG A 12 -4.63 -8.31 -3.65
N ARG A 13 -3.68 -7.40 -3.82
CA ARG A 13 -2.73 -7.47 -4.92
C ARG A 13 -1.93 -8.78 -4.85
N CYS A 14 -1.53 -9.18 -3.64
CA CYS A 14 -0.83 -10.46 -3.42
C CYS A 14 -1.73 -11.65 -3.74
N SER A 15 -3.02 -11.63 -3.36
CA SER A 15 -3.90 -12.78 -3.56
C SER A 15 -4.27 -13.02 -5.03
N MET A 16 -4.02 -12.07 -5.93
CA MET A 16 -4.27 -12.28 -7.36
C MET A 16 -3.10 -13.04 -8.01
N GLU A 17 -1.98 -13.22 -7.29
CA GLU A 17 -0.81 -13.97 -7.77
C GLU A 17 -1.03 -15.48 -7.73
N SER A 18 -0.20 -16.26 -8.44
CA SER A 18 -0.30 -17.73 -8.42
C SER A 18 0.41 -18.27 -7.17
N PHE A 19 -0.22 -18.09 -6.01
CA PHE A 19 0.36 -18.50 -4.72
C PHE A 19 -0.04 -19.94 -4.35
N TRP A 20 -1.03 -20.54 -5.03
CA TRP A 20 -1.48 -21.91 -4.71
C TRP A 20 -0.48 -22.97 -5.17
N TYR A 21 0.20 -22.71 -6.28
CA TYR A 21 1.14 -23.64 -6.87
C TYR A 21 2.19 -22.89 -7.73
N PRO A 22 3.49 -23.22 -7.64
CA PRO A 22 4.13 -24.14 -6.70
C PRO A 22 3.94 -23.68 -5.25
N THR A 23 3.91 -24.63 -4.33
CA THR A 23 3.60 -24.35 -2.92
C THR A 23 4.70 -23.63 -2.13
N ASN A 24 5.90 -23.43 -2.71
CA ASN A 24 6.96 -22.67 -2.05
C ASN A 24 6.86 -21.15 -2.39
N GLY A 25 5.84 -20.74 -3.16
CA GLY A 25 5.64 -19.35 -3.55
C GLY A 25 6.38 -18.89 -4.79
N ASP A 26 7.09 -19.80 -5.51
CA ASP A 26 7.86 -19.42 -6.70
C ASP A 26 7.02 -19.03 -7.93
N GLY A 27 5.70 -19.23 -7.88
CA GLY A 27 4.80 -18.75 -8.94
C GLY A 27 4.42 -17.28 -8.75
N ILE A 28 4.76 -16.69 -7.58
CA ILE A 28 4.44 -15.28 -7.26
C ILE A 28 5.52 -14.41 -7.93
N THR A 29 5.13 -13.55 -8.87
CA THR A 29 6.08 -12.71 -9.62
C THR A 29 6.53 -11.50 -8.82
N ASP A 30 5.60 -10.80 -8.18
CA ASP A 30 5.98 -9.62 -7.42
C ASP A 30 6.91 -9.99 -6.29
N PRO A 31 8.12 -9.39 -6.22
CA PRO A 31 9.06 -9.79 -5.16
C PRO A 31 8.54 -9.58 -3.73
N MET A 32 7.73 -8.53 -3.47
CA MET A 32 7.27 -8.31 -2.08
C MET A 32 6.18 -9.29 -1.71
N CYS A 33 5.27 -9.59 -2.65
CA CYS A 33 4.25 -10.62 -2.41
C CYS A 33 4.92 -11.97 -2.17
N ARG A 34 5.96 -12.27 -2.95
CA ARG A 34 6.67 -13.54 -2.80
C ARG A 34 7.40 -13.55 -1.46
N ALA A 35 8.04 -12.44 -1.07
CA ALA A 35 8.71 -12.38 0.23
C ALA A 35 7.69 -12.53 1.38
N ALA A 36 6.48 -11.97 1.25
CA ALA A 36 5.45 -12.09 2.30
C ALA A 36 5.02 -13.55 2.48
N TYR A 37 4.84 -14.25 1.36
CA TYR A 37 4.49 -15.66 1.40
C TYR A 37 5.62 -16.45 2.07
N GLN A 38 6.85 -16.23 1.60
CA GLN A 38 8.01 -16.97 2.08
C GLN A 38 8.37 -16.64 3.52
N TYR A 39 8.08 -15.42 4.00
CA TYR A 39 8.27 -15.03 5.39
C TYR A 39 7.43 -15.90 6.36
N VAL A 40 6.13 -16.02 6.08
CA VAL A 40 5.22 -16.83 6.90
C VAL A 40 5.56 -18.33 6.73
N TYR A 41 5.82 -18.76 5.49
CA TYR A 41 6.20 -20.16 5.20
C TYR A 41 7.43 -20.57 6.04
N ASP A 42 8.52 -19.78 5.95
CA ASP A 42 9.76 -20.05 6.68
C ASP A 42 9.58 -19.89 8.19
N LYS A 43 8.76 -18.92 8.64
CA LYS A 43 8.49 -18.72 10.07
C LYS A 43 7.84 -19.96 10.67
N VAL A 44 6.81 -20.49 10.00
CA VAL A 44 6.06 -21.66 10.47
C VAL A 44 6.90 -22.94 10.28
N LEU A 45 7.65 -23.06 9.18
CA LEU A 45 8.52 -24.22 8.94
C LEU A 45 9.57 -24.35 10.05
N ASP A 46 10.16 -23.21 10.48
CA ASP A 46 11.17 -23.19 11.53
C ASP A 46 10.63 -23.46 12.94
N GLU A 47 9.34 -23.16 13.22
CA GLU A 47 8.78 -23.37 14.56
C GLU A 47 8.19 -24.77 14.73
N THR A 48 7.49 -25.31 13.70
CA THR A 48 6.83 -26.62 13.78
C THR A 48 7.61 -27.76 13.07
N GLY A 49 8.46 -27.44 12.10
CA GLY A 49 9.19 -28.46 11.35
C GLY A 49 8.31 -29.29 10.43
N SER A 50 7.17 -28.72 10.01
CA SER A 50 6.19 -29.37 9.15
C SER A 50 5.95 -28.52 7.90
N THR A 51 6.24 -29.07 6.71
CA THR A 51 6.07 -28.37 5.44
C THR A 51 4.58 -28.11 5.17
N THR A 52 3.68 -29.08 5.47
CA THR A 52 2.24 -28.93 5.24
C THR A 52 1.69 -27.72 6.00
N ASP A 53 2.13 -27.53 7.26
CA ASP A 53 1.72 -26.39 8.08
C ASP A 53 2.27 -25.08 7.51
N ALA A 54 3.53 -25.10 7.04
CA ALA A 54 4.17 -23.94 6.43
C ALA A 54 3.41 -23.49 5.18
N ILE A 55 3.05 -24.45 4.31
CA ILE A 55 2.26 -24.17 3.10
C ILE A 55 0.89 -23.60 3.46
N SER A 56 0.18 -24.28 4.38
CA SER A 56 -1.16 -23.86 4.77
C SER A 56 -1.18 -22.47 5.41
N ALA A 57 -0.20 -22.16 6.27
CA ALA A 57 -0.12 -20.84 6.92
C ALA A 57 0.14 -19.73 5.90
N ALA A 58 1.07 -19.97 4.97
CA ALA A 58 1.44 -19.02 3.92
C ALA A 58 0.27 -18.81 2.93
N GLN A 59 -0.43 -19.89 2.56
CA GLN A 59 -1.58 -19.79 1.68
C GLN A 59 -2.74 -19.05 2.33
N TYR A 60 -2.98 -19.32 3.63
CA TYR A 60 -4.06 -18.70 4.41
C TYR A 60 -3.91 -17.18 4.40
N GLU A 61 -2.66 -16.69 4.49
CA GLU A 61 -2.37 -15.25 4.48
C GLU A 61 -2.97 -14.57 3.25
N PHE A 62 -2.91 -15.21 2.06
CA PHE A 62 -3.48 -14.61 0.87
C PHE A 62 -4.91 -15.07 0.60
N GLN A 63 -5.31 -16.27 1.02
CA GLN A 63 -6.68 -16.73 0.82
C GLN A 63 -7.65 -15.86 1.62
N GLN A 64 -7.25 -15.44 2.83
CA GLN A 64 -8.08 -14.62 3.69
C GLN A 64 -7.90 -13.12 3.40
N ASP A 65 -7.82 -12.71 2.13
CA ASP A 65 -7.65 -11.31 1.72
C ASP A 65 -8.84 -10.42 2.12
N ASN A 66 -10.04 -11.02 2.24
CA ASN A 66 -11.23 -10.29 2.68
C ASN A 66 -11.46 -10.37 4.21
N GLU A 67 -10.53 -10.99 4.98
CA GLU A 67 -10.67 -11.12 6.43
C GLU A 67 -9.40 -10.62 7.16
N TYR A 68 -8.89 -9.44 6.79
CA TYR A 68 -7.79 -8.79 7.51
C TYR A 68 -8.50 -8.02 8.56
N ALA A 69 -8.90 -8.75 9.60
CA ALA A 69 -9.81 -8.25 10.62
C ALA A 69 -9.30 -8.44 12.01
N ALA A 70 -9.90 -7.71 12.92
CA ALA A 70 -9.63 -7.79 14.36
C ALA A 70 -10.91 -7.48 15.12
N LEU A 71 -11.17 -8.22 16.21
CA LEU A 71 -12.36 -8.02 17.05
C LEU A 71 -12.05 -7.02 18.16
N ALA A 72 -12.76 -5.88 18.19
CA ALA A 72 -12.55 -4.85 19.20
C ALA A 72 -13.57 -4.93 20.35
N GLY A 73 -14.67 -5.64 20.18
CA GLY A 73 -15.67 -5.71 21.23
C GLY A 73 -16.51 -4.44 21.29
N PRO A 74 -17.28 -4.24 22.37
CA PRO A 74 -18.18 -3.08 22.43
C PRO A 74 -17.53 -1.70 22.44
N ASP A 75 -16.28 -1.60 22.91
CA ASP A 75 -15.56 -0.32 23.01
C ASP A 75 -14.58 -0.13 21.81
N TYR A 76 -15.07 -0.41 20.59
CA TYR A 76 -14.36 -0.22 19.32
C TYR A 76 -14.00 1.27 19.07
N TRP A 77 -14.72 2.17 19.72
CA TRP A 77 -14.53 3.63 19.62
C TRP A 77 -13.40 4.14 20.52
N ASP A 78 -12.92 3.31 21.48
CA ASP A 78 -11.87 3.68 22.43
C ASP A 78 -10.51 3.59 21.73
N LYS A 79 -9.92 4.75 21.41
CA LYS A 79 -8.65 4.86 20.67
C LYS A 79 -7.51 4.07 21.33
N CYS A 80 -7.36 4.16 22.67
CA CYS A 80 -6.29 3.42 23.36
C CYS A 80 -6.54 1.92 23.30
N HIS A 81 -7.80 1.47 23.37
CA HIS A 81 -8.13 0.05 23.27
C HIS A 81 -7.71 -0.47 21.88
N ILE A 82 -8.01 0.28 20.82
CA ILE A 82 -7.63 -0.13 19.47
C ILE A 82 -6.12 -0.17 19.32
N THR A 83 -5.45 0.92 19.69
CA THR A 83 -4.01 1.11 19.55
C THR A 83 -3.20 0.18 20.45
N GLN A 84 -3.67 -0.16 21.65
CA GLN A 84 -2.88 -0.96 22.58
C GLN A 84 -3.32 -2.40 22.73
N GLN A 85 -4.57 -2.75 22.38
CA GLN A 85 -5.05 -4.13 22.58
C GLN A 85 -5.57 -4.82 21.31
N VAL A 86 -6.25 -4.11 20.40
CA VAL A 86 -6.86 -4.74 19.23
C VAL A 86 -5.87 -4.85 18.07
N VAL A 87 -5.30 -3.73 17.61
CA VAL A 87 -4.30 -3.77 16.54
C VAL A 87 -3.07 -2.99 17.03
N PRO A 88 -2.37 -3.52 18.05
CA PRO A 88 -1.21 -2.79 18.58
C PRO A 88 0.01 -2.81 17.66
N ASN A 89 0.15 -3.88 16.88
CA ASN A 89 1.26 -4.08 15.98
C ASN A 89 0.78 -4.82 14.75
N TYR A 90 1.67 -5.03 13.78
CA TYR A 90 1.37 -5.75 12.54
C TYR A 90 0.14 -5.15 11.89
N LEU A 91 0.13 -3.83 11.71
CA LEU A 91 -1.05 -3.11 11.24
C LEU A 91 -1.55 -3.60 9.89
N CYS A 92 -0.67 -3.88 8.93
CA CYS A 92 -1.10 -4.36 7.61
C CYS A 92 -1.64 -5.80 7.64
N ALA A 93 -1.50 -6.51 8.77
CA ALA A 93 -2.04 -7.85 9.01
C ALA A 93 -3.29 -7.77 9.86
N ALA A 94 -3.71 -6.54 10.25
CA ALA A 94 -4.77 -6.29 11.24
C ALA A 94 -4.41 -6.98 12.58
N GLY A 95 -3.12 -7.03 12.89
CA GLY A 95 -2.61 -7.61 14.13
C GLY A 95 -2.41 -9.12 14.17
N ALA A 96 -2.75 -9.82 13.07
CA ALA A 96 -2.69 -11.28 13.03
C ALA A 96 -1.27 -11.76 12.70
N HIS A 97 -0.59 -12.36 13.67
CA HIS A 97 0.79 -12.80 13.48
C HIS A 97 1.07 -14.20 14.09
N SER A 98 0.06 -15.04 14.34
CA SER A 98 0.23 -16.38 14.93
C SER A 98 -0.61 -17.37 14.16
N TRP A 99 0.03 -18.29 13.41
CA TRP A 99 -0.65 -19.20 12.47
C TRP A 99 -1.72 -20.11 13.11
N SER A 100 -1.54 -20.54 14.37
CA SER A 100 -2.47 -21.47 15.03
C SER A 100 -3.51 -20.74 15.94
N ASN A 101 -3.69 -19.42 15.75
CA ASN A 101 -4.64 -18.61 16.54
C ASN A 101 -5.69 -17.99 15.62
N PRO A 102 -6.82 -17.46 16.16
CA PRO A 102 -7.84 -16.86 15.28
C PRO A 102 -7.25 -15.73 14.43
N PHE A 103 -7.56 -15.74 13.13
CA PHE A 103 -7.10 -14.79 12.10
C PHE A 103 -5.69 -15.14 11.56
N GLY A 104 -5.09 -16.20 12.10
CA GLY A 104 -3.82 -16.73 11.63
C GLY A 104 -2.66 -15.77 11.63
N ASP A 105 -1.76 -15.97 10.67
CA ASP A 105 -0.56 -15.20 10.50
C ASP A 105 -0.55 -14.52 9.14
N LYS A 106 -0.78 -13.19 9.14
CA LYS A 106 -0.72 -12.36 7.95
C LYS A 106 0.45 -11.37 8.08
N SER A 107 1.41 -11.65 8.99
CA SER A 107 2.51 -10.72 9.28
C SER A 107 3.51 -10.57 8.13
N GLY A 108 3.50 -11.48 7.15
CA GLY A 108 4.33 -11.35 5.97
C GLY A 108 3.96 -10.11 5.17
N VAL A 109 2.69 -9.74 5.19
CA VAL A 109 2.18 -8.57 4.47
C VAL A 109 2.61 -7.26 5.19
N ASP A 110 3.06 -7.34 6.44
CA ASP A 110 3.48 -6.17 7.18
C ASP A 110 4.98 -5.91 7.10
N ILE A 111 5.77 -6.74 6.39
CA ILE A 111 7.20 -6.50 6.28
C ILE A 111 7.44 -5.25 5.41
N SER A 112 8.60 -4.63 5.60
CA SER A 112 8.98 -3.45 4.84
C SER A 112 9.69 -3.85 3.55
N GLY A 113 9.63 -2.96 2.58
CA GLY A 113 10.28 -3.20 1.30
C GLY A 113 9.64 -2.49 0.14
N SER A 114 9.97 -2.94 -1.06
CA SER A 114 9.55 -2.29 -2.30
C SER A 114 8.14 -2.72 -2.75
N TRP A 115 7.13 -2.49 -1.89
CA TRP A 115 5.73 -2.79 -2.23
C TRP A 115 5.33 -1.96 -3.43
N ARG A 116 4.64 -2.59 -4.39
CA ARG A 116 4.23 -1.93 -5.61
C ARG A 116 3.04 -1.02 -5.33
N PRO A 117 3.17 0.29 -5.58
CA PRO A 117 2.05 1.19 -5.29
C PRO A 117 1.12 1.43 -6.45
N THR A 118 -0.07 1.93 -6.15
CA THR A 118 -0.94 2.48 -7.18
C THR A 118 -0.41 3.89 -7.40
N VAL A 119 0.01 4.22 -8.62
CA VAL A 119 0.59 5.53 -8.91
C VAL A 119 -0.51 6.49 -9.36
N ILE A 120 -0.77 7.52 -8.56
CA ILE A 120 -1.80 8.51 -8.82
C ILE A 120 -1.20 9.71 -9.56
N PRO A 121 -1.67 10.04 -10.78
CA PRO A 121 -1.14 11.23 -11.46
C PRO A 121 -1.72 12.52 -10.90
N LEU A 122 -0.86 13.54 -10.78
CA LEU A 122 -1.28 14.87 -10.35
C LEU A 122 -1.78 15.64 -11.56
N SER A 123 -2.88 16.39 -11.42
CA SER A 123 -3.40 17.24 -12.47
C SER A 123 -2.54 18.52 -12.52
N ASP A 124 -2.23 19.06 -11.34
CA ASP A 124 -1.40 20.25 -11.15
C ASP A 124 -0.41 19.97 -9.99
N ASN A 125 0.85 20.41 -10.13
CA ASN A 125 1.90 20.18 -9.11
C ASN A 125 1.69 20.98 -7.81
N HIS A 126 0.84 22.02 -7.80
CA HIS A 126 0.52 22.79 -6.59
C HIS A 126 -0.62 22.18 -5.76
N GLN A 127 -1.20 21.07 -6.21
CA GLN A 127 -2.25 20.40 -5.46
C GLN A 127 -1.76 19.94 -4.09
N VAL A 128 -2.36 20.47 -3.02
CA VAL A 128 -2.05 20.06 -1.65
C VAL A 128 -2.67 18.67 -1.36
N SER A 129 -3.85 18.42 -1.92
CA SER A 129 -4.58 17.16 -1.77
C SER A 129 -5.18 16.75 -3.09
N VAL A 130 -5.39 15.44 -3.27
CA VAL A 130 -6.03 14.87 -4.46
C VAL A 130 -7.33 14.25 -3.98
N PRO A 131 -8.51 14.77 -4.39
CA PRO A 131 -9.75 14.08 -4.03
C PRO A 131 -9.79 12.78 -4.81
N LEU A 132 -9.73 11.66 -4.10
CA LEU A 132 -9.72 10.35 -4.74
C LEU A 132 -10.90 9.58 -4.27
N GLU A 133 -11.65 9.00 -5.22
CA GLU A 133 -12.79 8.19 -4.83
C GLU A 133 -12.33 6.78 -4.52
N LEU A 134 -12.22 6.49 -3.24
CA LEU A 134 -11.82 5.17 -2.77
C LEU A 134 -12.96 4.18 -3.02
N GLU A 135 -12.62 2.93 -3.35
CA GLU A 135 -13.62 1.87 -3.53
C GLU A 135 -13.29 0.72 -2.60
N PHE A 136 -14.16 0.44 -1.61
CA PHE A 136 -14.02 -0.71 -0.73
C PHE A 136 -14.97 -1.76 -1.28
N CYS A 137 -14.44 -2.96 -1.47
CA CYS A 137 -15.14 -4.10 -2.07
C CYS A 137 -15.67 -5.00 -0.97
N PRO A 138 -16.95 -4.88 -0.61
CA PRO A 138 -17.47 -5.70 0.48
C PRO A 138 -17.93 -7.06 -0.01
N THR A 139 -17.59 -8.12 0.69
CA THR A 139 -18.04 -9.45 0.32
C THR A 139 -19.37 -9.72 1.11
N ALA A 140 -19.66 -8.89 2.14
CA ALA A 140 -20.91 -8.92 2.92
C ALA A 140 -21.29 -7.46 3.28
N VAL A 141 -22.58 -7.15 3.32
CA VAL A 141 -23.06 -5.82 3.67
C VAL A 141 -23.18 -5.77 5.20
N HIS A 142 -22.28 -5.02 5.87
CA HIS A 142 -22.30 -4.85 7.33
C HIS A 142 -22.63 -3.43 7.67
N GLU A 143 -23.83 -3.20 8.20
CA GLU A 143 -24.26 -1.89 8.65
C GLU A 143 -25.02 -2.09 9.95
N PRO A 144 -24.88 -1.20 10.96
CA PRO A 144 -24.13 0.05 10.94
C PRO A 144 -22.60 -0.15 10.96
N SER A 145 -21.89 0.71 10.25
CA SER A 145 -20.44 0.70 10.19
C SER A 145 -19.94 2.06 9.73
N TYR A 146 -18.65 2.32 9.89
CA TYR A 146 -18.03 3.56 9.42
C TYR A 146 -16.63 3.28 8.96
N TYR A 147 -16.08 4.21 8.19
CA TYR A 147 -14.75 4.10 7.62
C TYR A 147 -13.82 5.16 8.15
N GLU A 148 -12.60 4.78 8.51
CA GLU A 148 -11.53 5.71 8.84
C GLU A 148 -10.44 5.47 7.85
N VAL A 149 -9.82 6.55 7.37
CA VAL A 149 -8.67 6.46 6.49
C VAL A 149 -7.55 7.23 7.14
N TYR A 150 -6.38 6.60 7.25
CA TYR A 150 -5.17 7.20 7.75
C TYR A 150 -4.18 7.22 6.64
N ILE A 151 -3.19 8.09 6.73
CA ILE A 151 -2.09 8.13 5.78
C ILE A 151 -0.82 8.21 6.58
N THR A 152 0.23 7.59 6.08
CA THR A 152 1.51 7.67 6.73
C THR A 152 1.99 9.12 6.75
N LYS A 153 2.76 9.46 7.78
CA LYS A 153 3.34 10.80 7.92
C LYS A 153 4.31 11.08 6.75
N PRO A 154 4.51 12.37 6.42
CA PRO A 154 5.31 12.74 5.23
C PRO A 154 6.69 12.13 5.03
N SER A 155 7.44 11.80 6.08
CA SER A 155 8.78 11.23 5.93
C SER A 155 8.80 9.70 6.04
N PHE A 156 7.62 9.05 6.02
CA PHE A 156 7.55 7.59 6.08
C PHE A 156 8.34 7.00 4.90
N ASN A 157 9.12 5.97 5.18
CA ASN A 157 9.95 5.29 4.19
C ASN A 157 9.49 3.84 4.09
N VAL A 158 8.76 3.51 3.02
CA VAL A 158 8.18 2.17 2.81
C VAL A 158 9.23 1.06 2.77
N PHE A 159 10.46 1.35 2.33
CA PHE A 159 11.51 0.35 2.22
C PHE A 159 11.97 -0.18 3.58
N ILE A 160 11.87 0.63 4.66
CA ILE A 160 12.38 0.20 5.97
C ILE A 160 11.45 0.44 7.16
N ASP A 161 10.41 1.30 7.05
CA ASP A 161 9.53 1.59 8.19
C ASP A 161 8.33 0.70 8.23
N ARG A 162 7.94 0.30 9.44
CA ARG A 162 6.67 -0.37 9.65
C ARG A 162 5.61 0.70 9.72
N VAL A 163 4.40 0.35 9.30
CA VAL A 163 3.23 1.22 9.46
C VAL A 163 2.78 0.98 10.88
N VAL A 164 2.76 2.03 11.69
CA VAL A 164 2.39 1.96 13.10
C VAL A 164 1.48 3.13 13.42
N TRP A 165 0.74 3.07 14.52
CA TRP A 165 -0.16 4.16 14.85
C TRP A 165 0.60 5.49 15.03
N GLY A 166 1.85 5.40 15.51
CA GLY A 166 2.71 6.56 15.72
C GLY A 166 3.15 7.29 14.47
N ASN A 167 3.08 6.64 13.27
CA ASN A 167 3.46 7.33 12.04
C ASN A 167 2.28 7.41 11.07
N LEU A 168 1.05 7.34 11.61
CA LEU A 168 -0.19 7.48 10.84
C LEU A 168 -0.94 8.72 11.28
N ASP A 169 -1.55 9.42 10.31
CA ASP A 169 -2.39 10.60 10.52
C ASP A 169 -3.80 10.33 10.04
N LEU A 170 -4.84 10.60 10.85
CA LEU A 170 -6.22 10.40 10.42
C LEU A 170 -6.61 11.48 9.42
N ILE A 171 -7.09 11.11 8.22
CA ILE A 171 -7.52 12.10 7.21
C ILE A 171 -9.01 11.97 6.88
N TYR A 172 -9.70 10.90 7.32
CA TYR A 172 -11.09 10.71 6.97
C TYR A 172 -11.81 9.84 7.99
N ASN A 173 -13.02 10.24 8.33
CA ASN A 173 -13.86 9.50 9.24
C ASN A 173 -15.32 9.75 8.87
N ASP A 174 -16.01 8.73 8.34
CA ASP A 174 -17.38 8.93 7.87
C ASP A 174 -18.12 7.62 7.67
N THR A 175 -19.46 7.71 7.59
CA THR A 175 -20.32 6.61 7.11
C THR A 175 -20.34 6.80 5.62
N VAL A 176 -20.26 5.72 4.86
CA VAL A 176 -20.12 5.77 3.42
C VAL A 176 -21.34 5.13 2.75
N PRO A 177 -21.79 5.65 1.59
CA PRO A 177 -22.93 5.02 0.91
C PRO A 177 -22.56 3.74 0.16
N LEU A 178 -23.49 2.79 0.16
CA LEU A 178 -23.38 1.56 -0.59
C LEU A 178 -23.93 1.89 -1.98
N ASP A 179 -23.07 1.90 -3.00
CA ASP A 179 -23.43 2.35 -4.35
C ASP A 179 -23.13 1.33 -5.44
N PRO A 180 -23.71 1.51 -6.65
CA PRO A 180 -23.34 0.63 -7.77
C PRO A 180 -21.88 0.82 -8.16
N ARG A 181 -21.25 -0.23 -8.68
CA ARG A 181 -19.86 -0.14 -9.16
C ARG A 181 -19.80 0.72 -10.38
N LEU A 182 -18.70 1.41 -10.56
CA LEU A 182 -18.47 2.17 -11.78
C LEU A 182 -17.92 1.23 -12.85
N PRO A 183 -17.93 1.63 -14.14
CA PRO A 183 -17.34 0.73 -15.18
C PRO A 183 -15.84 0.44 -14.94
N TYR A 184 -15.41 -0.78 -15.29
CA TYR A 184 -14.02 -1.27 -15.20
C TYR A 184 -13.54 -1.50 -13.76
N SER A 185 -14.48 -1.62 -12.81
CA SER A 185 -14.14 -1.93 -11.42
C SER A 185 -13.56 -3.33 -11.31
N ILE A 186 -12.48 -3.49 -10.54
CA ILE A 186 -11.87 -4.81 -10.33
C ILE A 186 -12.51 -5.50 -9.10
N CYS A 187 -13.49 -4.85 -8.41
CA CYS A 187 -14.19 -5.44 -7.27
C CYS A 187 -15.11 -6.53 -7.82
N ASP A 188 -15.11 -7.72 -7.19
CA ASP A 188 -15.95 -8.83 -7.66
C ASP A 188 -17.36 -8.81 -6.99
N ALA A 189 -17.63 -7.85 -6.07
CA ALA A 189 -18.96 -7.74 -5.43
C ALA A 189 -19.91 -6.99 -6.36
N ASP A 190 -21.20 -6.97 -6.01
CA ASP A 190 -22.22 -6.34 -6.84
C ASP A 190 -22.43 -4.87 -6.46
N LEU A 191 -22.29 -4.51 -5.18
CA LEU A 191 -22.38 -3.13 -4.69
C LEU A 191 -21.09 -2.81 -3.97
N VAL A 192 -20.73 -1.52 -3.87
CA VAL A 192 -19.47 -1.11 -3.24
C VAL A 192 -19.64 0.09 -2.34
N TYR A 193 -18.71 0.23 -1.42
CA TYR A 193 -18.64 1.41 -0.57
C TYR A 193 -17.66 2.33 -1.26
N ARG A 194 -18.18 3.37 -1.90
CA ARG A 194 -17.40 4.34 -2.69
C ARG A 194 -17.39 5.66 -1.96
N PHE A 195 -16.21 6.26 -1.74
CA PHE A 195 -16.17 7.50 -0.98
C PHE A 195 -15.01 8.38 -1.40
N THR A 196 -15.30 9.68 -1.51
CA THR A 196 -14.33 10.67 -1.95
C THR A 196 -13.53 11.16 -0.76
N VAL A 197 -12.24 10.87 -0.77
CA VAL A 197 -11.31 11.21 0.30
C VAL A 197 -10.26 12.17 -0.22
N PRO A 198 -9.99 13.28 0.49
CA PRO A 198 -8.90 14.17 0.08
C PRO A 198 -7.58 13.56 0.56
N ILE A 199 -6.80 13.02 -0.37
CA ILE A 199 -5.54 12.38 -0.05
C ILE A 199 -4.42 13.42 -0.05
N PRO A 200 -3.70 13.64 1.07
CA PRO A 200 -2.56 14.58 1.03
C PRO A 200 -1.48 14.08 0.08
N ILE A 201 -0.92 14.97 -0.75
CA ILE A 201 0.10 14.59 -1.70
C ILE A 201 1.42 14.36 -0.97
N ARG A 202 2.22 13.48 -1.53
CA ARG A 202 3.55 13.12 -1.08
C ARG A 202 4.47 13.09 -2.28
N GLN A 203 5.76 13.29 -2.06
CA GLN A 203 6.75 13.20 -3.13
C GLN A 203 7.34 11.77 -3.15
N SER A 204 7.04 10.96 -2.12
CA SER A 204 7.51 9.58 -2.02
C SER A 204 6.32 8.66 -1.75
N GLN A 205 6.59 7.37 -1.86
CA GLN A 205 5.59 6.35 -1.70
C GLN A 205 5.03 6.38 -0.29
N ALA A 206 3.69 6.31 -0.17
CA ALA A 206 2.99 6.35 1.09
C ALA A 206 2.09 5.16 1.24
N VAL A 207 1.49 5.02 2.42
CA VAL A 207 0.53 3.96 2.70
C VAL A 207 -0.73 4.58 3.25
N LEU A 208 -1.89 4.22 2.69
CA LEU A 208 -3.18 4.56 3.27
C LEU A 208 -3.58 3.38 4.12
N TYR A 209 -4.07 3.63 5.33
CA TYR A 209 -4.55 2.58 6.21
C TYR A 209 -6.03 2.79 6.32
N VAL A 210 -6.81 1.89 5.74
CA VAL A 210 -8.26 1.98 5.70
C VAL A 210 -8.84 1.03 6.72
N ARG A 211 -9.70 1.54 7.57
CA ARG A 211 -10.36 0.77 8.61
C ARG A 211 -11.85 0.80 8.40
N TRP A 212 -12.47 -0.36 8.24
CA TRP A 212 -13.93 -0.48 8.14
C TRP A 212 -14.39 -1.08 9.46
N GLN A 213 -14.99 -0.28 10.31
CA GLN A 213 -15.39 -0.70 11.64
C GLN A 213 -16.88 -0.87 11.78
N ARG A 214 -17.32 -2.05 12.23
CA ARG A 214 -18.73 -2.27 12.53
C ARG A 214 -19.08 -1.68 13.88
N LEU A 215 -20.26 -1.07 13.99
CA LEU A 215 -20.74 -0.52 15.26
C LEU A 215 -21.70 -1.51 15.91
N ASP A 216 -21.17 -2.54 16.54
CA ASP A 216 -22.01 -3.53 17.21
C ASP A 216 -21.23 -4.16 18.37
N PRO A 217 -21.89 -4.93 19.27
CA PRO A 217 -21.17 -5.50 20.42
C PRO A 217 -19.93 -6.32 20.10
N VAL A 218 -19.92 -7.08 19.00
CA VAL A 218 -18.75 -7.91 18.62
C VAL A 218 -17.60 -6.97 18.17
N GLY A 219 -17.94 -5.88 17.51
CA GLY A 219 -16.97 -4.88 17.09
C GLY A 219 -15.91 -5.35 16.12
N GLU A 220 -16.28 -6.19 15.16
CA GLU A 220 -15.31 -6.61 14.16
C GLU A 220 -14.96 -5.43 13.24
N GLY A 221 -13.68 -5.27 13.01
CA GLY A 221 -13.16 -4.23 12.13
C GLY A 221 -12.24 -4.83 11.11
N PHE A 222 -12.18 -4.23 9.92
CA PHE A 222 -11.34 -4.68 8.81
C PHE A 222 -10.32 -3.62 8.54
N TYR A 223 -9.05 -3.99 8.48
CA TYR A 223 -7.93 -3.07 8.34
C TYR A 223 -7.05 -3.45 7.18
N ASN A 224 -6.85 -2.53 6.23
CA ASN A 224 -6.03 -2.79 5.05
C ASN A 224 -5.03 -1.71 4.80
N CYS A 225 -3.82 -2.12 4.39
CA CYS A 225 -2.80 -1.19 3.93
C CYS A 225 -2.92 -1.08 2.44
N VAL A 226 -2.85 0.16 1.94
CA VAL A 226 -2.97 0.48 0.52
C VAL A 226 -1.75 1.28 0.13
N ASP A 227 -0.92 0.71 -0.75
CA ASP A 227 0.31 1.36 -1.19
C ASP A 227 0.01 2.36 -2.31
N ILE A 228 0.43 3.63 -2.13
CA ILE A 228 0.19 4.67 -3.12
C ILE A 228 1.45 5.52 -3.36
N ASN A 229 1.53 6.10 -4.55
CA ASN A 229 2.58 7.04 -4.91
C ASN A 229 1.96 8.08 -5.82
N PHE A 230 2.65 9.20 -6.00
CA PHE A 230 2.18 10.33 -6.77
C PHE A 230 3.09 10.61 -7.95
N ASP A 231 2.51 10.78 -9.14
CA ASP A 231 3.25 11.08 -10.36
C ASP A 231 3.17 12.58 -10.61
N TYR A 232 4.26 13.28 -10.34
CA TYR A 232 4.33 14.73 -10.58
C TYR A 232 4.50 15.01 -12.07
N ASN A 233 4.07 16.19 -12.50
CA ASN A 233 4.24 16.62 -13.89
C ASN A 233 5.64 17.17 -14.08
N ASN A 234 6.29 16.86 -15.20
CA ASN A 234 7.63 17.37 -15.50
C ASN A 234 7.53 18.80 -16.06
N GLY A 235 8.66 19.50 -16.08
CA GLY A 235 8.77 20.85 -16.61
C GLY A 235 8.76 21.91 -15.54
N PRO A 236 8.84 23.19 -15.94
CA PRO A 236 8.87 24.25 -14.94
C PRO A 236 7.54 24.43 -14.25
N ASP A 237 7.59 24.84 -12.98
CA ASP A 237 6.40 25.10 -12.21
C ASP A 237 5.60 26.23 -12.87
N ASP A 238 4.26 26.12 -12.88
CA ASP A 238 3.35 27.08 -13.52
C ASP A 238 3.58 28.54 -13.07
N GLU A 239 3.92 28.77 -11.78
CA GLU A 239 4.16 30.13 -11.27
C GLU A 239 5.48 30.74 -11.79
N ASP A 240 6.40 29.93 -12.37
CA ASP A 240 7.67 30.40 -12.91
C ASP A 240 7.65 30.43 -14.46
N ILE A 241 6.46 30.53 -15.08
CA ILE A 241 6.35 30.60 -16.53
C ILE A 241 6.20 32.06 -16.93
N ILE A 242 7.28 32.67 -17.47
CA ILE A 242 7.27 34.01 -18.00
C ILE A 242 7.06 33.83 -19.49
N VAL A 243 6.01 34.46 -20.02
CA VAL A 243 5.66 34.36 -21.43
C VAL A 243 6.08 35.67 -22.11
N PRO A 244 6.62 35.62 -23.34
CA PRO A 244 6.97 36.88 -24.02
C PRO A 244 5.71 37.68 -24.35
N ASP A 245 5.68 38.97 -23.98
CA ASP A 245 4.52 39.84 -24.21
C ASP A 245 4.83 40.87 -25.33
N VAL A 246 5.50 40.42 -26.42
CA VAL A 246 5.86 41.25 -27.57
C VAL A 246 5.60 40.46 -28.87
N PRO A 252 16.29 36.06 -37.25
CA PRO A 252 16.81 35.19 -38.30
C PRO A 252 16.33 33.75 -38.15
N ASN A 253 16.28 33.01 -39.27
CA ASN A 253 15.86 31.61 -39.23
C ASN A 253 16.96 30.75 -38.58
N GLN A 254 16.67 30.18 -37.40
CA GLN A 254 17.61 29.31 -36.68
C GLN A 254 16.89 28.04 -36.25
N CYS A 255 17.53 26.90 -36.41
CA CYS A 255 16.94 25.62 -36.04
C CYS A 255 17.89 24.81 -35.19
N ALA A 256 17.35 24.02 -34.27
CA ALA A 256 18.13 23.05 -33.52
C ALA A 256 18.22 21.79 -34.36
N SER A 257 19.35 21.10 -34.35
CA SER A 257 19.51 19.87 -35.11
C SER A 257 19.08 18.66 -34.28
N THR A 258 19.06 17.48 -34.89
CA THR A 258 18.78 16.21 -34.22
C THR A 258 20.11 15.52 -33.84
N PHE A 259 21.26 16.18 -34.11
CA PHE A 259 22.58 15.63 -33.81
C PHE A 259 22.78 15.57 -32.30
N ASN A 260 23.43 14.51 -31.80
CA ASN A 260 23.69 14.38 -30.36
C ASN A 260 24.82 15.33 -30.01
N TYR A 261 24.46 16.58 -29.66
CA TYR A 261 25.43 17.64 -29.34
C TYR A 261 26.53 17.18 -28.39
N ASN A 262 27.80 17.37 -28.78
CA ASN A 262 28.97 17.04 -27.98
C ASN A 262 29.03 15.56 -27.53
N GLU A 263 28.56 14.64 -28.38
CA GLU A 263 28.74 13.22 -28.11
C GLU A 263 30.25 12.94 -28.11
N GLY A 264 30.72 12.24 -27.07
CA GLY A 264 32.14 11.96 -26.89
C GLY A 264 32.79 12.83 -25.84
N VAL A 265 32.21 14.01 -25.55
CA VAL A 265 32.77 14.90 -24.54
C VAL A 265 32.28 14.40 -23.17
N PRO A 266 33.15 14.15 -22.16
CA PRO A 266 32.62 13.70 -20.86
C PRO A 266 31.73 14.75 -20.20
N GLY A 267 30.72 14.28 -19.49
CA GLY A 267 29.77 15.12 -18.78
C GLY A 267 28.74 14.30 -18.03
N PHE A 268 27.63 14.94 -17.65
CA PHE A 268 26.55 14.31 -16.89
C PHE A 268 25.98 13.14 -17.67
N ASP A 269 25.71 12.02 -16.97
CA ASP A 269 25.13 10.80 -17.54
C ASP A 269 26.00 10.11 -18.63
N THR A 270 27.27 10.53 -18.87
CA THR A 270 28.16 9.84 -19.81
C THR A 270 28.78 8.70 -18.97
N GLU A 271 29.45 7.72 -19.58
CA GLU A 271 30.00 6.60 -18.81
C GLU A 271 31.08 7.09 -17.83
N GLU A 272 31.82 8.17 -18.15
CA GLU A 272 32.81 8.74 -17.25
C GLU A 272 32.14 9.13 -15.93
N TYR A 273 30.98 9.80 -16.01
CA TYR A 273 30.22 10.28 -14.84
C TYR A 273 29.80 9.12 -13.96
N TYR A 274 29.33 8.00 -14.55
CA TYR A 274 28.95 6.80 -13.80
C TYR A 274 30.18 6.16 -13.15
N LYS A 275 31.30 6.07 -13.87
CA LYS A 275 32.54 5.52 -13.31
C LYS A 275 33.04 6.40 -12.17
N TYR A 276 32.92 7.73 -12.33
CA TYR A 276 33.36 8.64 -11.28
C TYR A 276 32.52 8.44 -10.01
N MET A 277 31.20 8.29 -10.16
CA MET A 277 30.31 8.09 -9.03
C MET A 277 30.73 6.90 -8.19
N TYR A 278 31.08 5.78 -8.81
CA TYR A 278 31.48 4.59 -8.05
C TYR A 278 32.80 4.84 -7.31
N GLU A 279 33.69 5.70 -7.85
CA GLU A 279 34.90 6.08 -7.13
C GLU A 279 34.56 7.02 -5.97
N SER A 280 33.60 7.95 -6.16
CA SER A 280 33.18 8.88 -5.11
C SER A 280 32.46 8.16 -3.95
N LEU A 281 31.84 6.99 -4.25
CA LEU A 281 31.14 6.17 -3.27
C LEU A 281 32.04 5.07 -2.68
N ARG A 282 33.36 5.09 -2.95
CA ARG A 282 34.27 4.06 -2.44
C ARG A 282 34.23 3.91 -0.90
N PHE A 283 34.02 5.01 -0.15
CA PHE A 283 33.92 4.95 1.32
C PHE A 283 32.59 4.32 1.78
N ASN A 284 31.60 4.19 0.86
CA ASN A 284 30.29 3.59 1.12
C ASN A 284 30.28 2.06 0.91
N ARG A 285 31.40 1.47 0.41
CA ARG A 285 31.52 0.02 0.19
C ARG A 285 32.53 -0.58 1.18
N TYR A 286 32.22 -1.77 1.74
CA TYR A 286 33.09 -2.46 2.71
C TYR A 286 32.87 -3.97 2.65
#